data_1WVC
#
_entry.id   1WVC
#
_cell.length_a   84.2
_cell.length_b   84.2
_cell.length_c   157.4
_cell.angle_alpha   90
_cell.angle_beta   90
_cell.angle_gamma   120
#
_symmetry.space_group_name_H-M   'P 63 2 2'
#
loop_
_entity.id
_entity.type
_entity.pdbx_description
1 polymer 'Glucose-1-phosphate cytidylyltransferase'
2 non-polymer 'MAGNESIUM ION'
3 non-polymer 'NICKEL (II) ION'
4 non-polymer "CYTIDINE-5'-TRIPHOSPHATE"
5 water water
#
_entity_poly.entity_id   1
_entity_poly.type   'polypeptide(L)'
_entity_poly.pdbx_seq_one_letter_code
;MASKAVILAGGLGTRLSEETIVKPKPMVEIGGKPILWHIMKMYSVHGIKDFIICCGYKGYVIKEYFANYFLHMSDVTFHM
AENRMEVHHKRVEPWNVTLVDTGDSSMTGGRLKRVAEYVKDDEAFLFTYGDGVADLDIKATIDFHKAHGKKATLTATFPP
GRFGALDIQAGQVRSFQEKPKGDGAMINGGFFVLNPSVIDLIDNDATTWEQEPLMTLAQQGELMAFEHPGFWQPMDTLRD
KVYLEGLWEKGKAPWKTWE
;
_entity_poly.pdbx_strand_id   A
#
loop_
_chem_comp.id
_chem_comp.type
_chem_comp.name
_chem_comp.formula
CTP non-polymer CYTIDINE-5'-TRIPHOSPHATE 'C9 H16 N3 O14 P3'
MG non-polymer 'MAGNESIUM ION' 'Mg 2'
NI non-polymer 'NICKEL (II) ION' 'Ni 2'
#
# COMPACT_ATOMS: atom_id res chain seq x y z
N ALA A 2 0.02 -17.49 4.89
CA ALA A 2 0.03 -16.12 4.37
C ALA A 2 1.04 -15.28 5.12
N SER A 3 2.07 -14.85 4.39
CA SER A 3 3.10 -14.06 5.01
C SER A 3 3.73 -13.02 4.09
N LYS A 4 3.35 -13.07 2.81
CA LYS A 4 3.88 -12.17 1.82
C LYS A 4 2.90 -11.13 1.37
N ALA A 5 3.45 -9.95 1.18
CA ALA A 5 2.71 -8.80 0.73
C ALA A 5 3.26 -8.27 -0.59
N VAL A 6 2.36 -8.08 -1.54
CA VAL A 6 2.68 -7.55 -2.85
C VAL A 6 2.20 -6.13 -2.90
N ILE A 7 3.15 -5.24 -3.18
CA ILE A 7 2.88 -3.82 -3.25
C ILE A 7 3.26 -3.18 -4.59
N LEU A 8 2.23 -2.55 -5.18
CA LEU A 8 2.31 -1.83 -6.45
C LEU A 8 3.10 -0.54 -6.31
N ALA A 9 4.03 -0.31 -7.19
CA ALA A 9 4.76 0.91 -7.09
C ALA A 9 5.16 1.38 -8.48
N GLY A 10 4.50 0.85 -9.50
CA GLY A 10 4.80 1.17 -10.89
C GLY A 10 4.09 2.34 -11.56
N GLY A 11 3.14 2.99 -10.92
CA GLY A 11 2.45 4.10 -11.56
C GLY A 11 3.32 5.32 -11.88
N LEU A 12 2.75 6.20 -12.72
CA LEU A 12 3.29 7.48 -13.21
C LEU A 12 3.19 8.65 -12.22
N GLY A 13 2.21 8.56 -11.32
CA GLY A 13 2.00 9.57 -10.32
C GLY A 13 1.60 10.93 -10.85
N THR A 14 1.00 10.92 -12.06
CA THR A 14 0.54 12.12 -12.74
C THR A 14 -0.05 13.16 -11.83
N ARG A 15 -1.00 12.77 -10.99
CA ARG A 15 -1.58 13.78 -10.11
C ARG A 15 -0.69 14.31 -8.97
N LEU A 16 0.59 13.99 -8.99
CA LEU A 16 1.50 14.43 -7.95
C LEU A 16 2.89 14.74 -8.47
N SER A 17 2.93 15.12 -9.73
CA SER A 17 4.14 15.44 -10.48
C SER A 17 5.09 16.35 -9.73
N GLU A 18 4.53 17.15 -8.84
CA GLU A 18 5.29 18.09 -8.05
C GLU A 18 6.47 17.39 -7.39
N GLU A 19 6.25 16.12 -7.10
CA GLU A 19 7.23 15.25 -6.48
C GLU A 19 7.67 14.12 -7.42
N THR A 20 6.67 13.50 -8.04
CA THR A 20 6.86 12.38 -8.96
C THR A 20 7.76 12.63 -10.14
N ILE A 21 8.14 13.87 -10.39
CA ILE A 21 9.01 14.10 -11.53
C ILE A 21 10.39 13.66 -11.17
N VAL A 22 10.60 13.53 -9.90
CA VAL A 22 11.90 13.12 -9.49
C VAL A 22 11.94 11.68 -8.96
N LYS A 23 10.79 11.18 -8.52
CA LYS A 23 10.71 9.82 -7.99
C LYS A 23 9.33 9.20 -8.10
N PRO A 24 9.27 7.86 -7.88
CA PRO A 24 8.00 7.17 -7.94
C PRO A 24 7.12 7.56 -6.75
N LYS A 25 5.90 7.92 -7.06
CA LYS A 25 4.97 8.32 -6.01
C LYS A 25 5.07 7.59 -4.64
N PRO A 26 5.34 6.28 -4.56
CA PRO A 26 5.41 5.68 -3.25
C PRO A 26 6.70 6.01 -2.51
N MET A 27 7.65 6.57 -3.25
CA MET A 27 8.91 6.93 -2.67
C MET A 27 8.81 8.28 -2.01
N VAL A 28 7.62 8.84 -2.15
CA VAL A 28 7.29 10.13 -1.57
C VAL A 28 7.12 9.93 -0.07
N GLU A 29 7.64 10.88 0.70
CA GLU A 29 7.59 10.77 2.14
C GLU A 29 6.64 11.60 2.98
N ILE A 30 6.45 10.99 4.14
CA ILE A 30 5.67 11.39 5.31
C ILE A 30 6.55 11.23 6.54
N GLY A 31 6.97 12.35 7.08
CA GLY A 31 7.81 12.20 8.23
C GLY A 31 9.20 11.74 7.80
N GLY A 32 9.63 12.22 6.64
CA GLY A 32 10.93 11.88 6.12
C GLY A 32 11.06 10.45 5.65
N LYS A 33 9.94 9.69 5.69
CA LYS A 33 9.97 8.30 5.24
C LYS A 33 9.03 8.06 4.09
N PRO A 34 9.49 7.36 3.05
CA PRO A 34 8.67 7.07 1.88
C PRO A 34 7.40 6.43 2.35
N ILE A 35 6.29 6.72 1.67
CA ILE A 35 5.02 6.13 2.08
C ILE A 35 4.96 4.60 2.05
N LEU A 36 5.79 4.05 1.18
CA LEU A 36 5.89 2.62 1.02
C LEU A 36 6.37 2.04 2.34
N TRP A 37 7.36 2.71 2.88
CA TRP A 37 7.89 2.29 4.14
C TRP A 37 6.78 2.25 5.17
N HIS A 38 5.97 3.31 5.28
CA HIS A 38 4.89 3.28 6.26
C HIS A 38 4.05 2.04 6.08
N ILE A 39 3.63 1.84 4.85
CA ILE A 39 2.80 0.70 4.52
C ILE A 39 3.41 -0.64 4.93
N MET A 40 4.71 -0.76 4.71
CA MET A 40 5.43 -1.96 5.04
C MET A 40 5.54 -2.11 6.51
N LYS A 41 5.46 -0.95 7.18
CA LYS A 41 5.52 -0.86 8.63
C LYS A 41 4.19 -1.29 9.19
N MET A 42 3.16 -1.15 8.37
CA MET A 42 1.81 -1.54 8.75
C MET A 42 1.74 -3.06 8.71
N TYR A 43 2.38 -3.60 7.69
CA TYR A 43 2.39 -5.04 7.55
C TYR A 43 3.15 -5.68 8.68
N SER A 44 4.43 -5.30 8.78
CA SER A 44 5.29 -5.84 9.81
C SER A 44 4.57 -5.90 11.14
N VAL A 45 3.97 -4.77 11.49
CA VAL A 45 3.22 -4.63 12.73
C VAL A 45 2.24 -5.77 12.89
N HIS A 46 1.85 -6.32 11.75
CA HIS A 46 0.91 -7.42 11.74
C HIS A 46 1.55 -8.76 11.42
N GLY A 47 2.88 -8.84 11.36
CA GLY A 47 3.53 -10.12 11.09
C GLY A 47 4.09 -10.34 9.67
N ILE A 48 3.72 -9.48 8.71
CA ILE A 48 4.17 -9.58 7.32
C ILE A 48 5.53 -8.95 7.19
N LYS A 49 6.56 -9.76 6.99
CA LYS A 49 7.88 -9.16 6.88
C LYS A 49 8.61 -9.51 5.58
N ASP A 50 7.83 -10.10 4.68
CA ASP A 50 8.29 -10.53 3.39
C ASP A 50 7.52 -9.80 2.31
N PHE A 51 8.22 -8.97 1.57
CA PHE A 51 7.55 -8.21 0.52
C PHE A 51 8.12 -8.33 -0.85
N ILE A 52 7.21 -8.03 -1.77
CA ILE A 52 7.53 -8.02 -3.17
C ILE A 52 7.07 -6.68 -3.67
N ILE A 53 7.96 -6.01 -4.37
CA ILE A 53 7.59 -4.73 -4.89
C ILE A 53 7.63 -4.72 -6.41
N CYS A 54 6.47 -4.37 -6.97
CA CYS A 54 6.26 -4.28 -8.40
C CYS A 54 6.70 -2.90 -8.79
N CYS A 55 7.92 -2.84 -9.27
CA CYS A 55 8.50 -1.58 -9.68
C CYS A 55 8.15 -1.36 -11.15
N GLY A 56 8.29 -0.13 -11.59
CA GLY A 56 8.01 0.27 -12.96
C GLY A 56 8.56 1.67 -13.18
N TYR A 57 7.69 2.67 -13.17
CA TYR A 57 8.16 4.02 -13.34
C TYR A 57 9.13 4.40 -12.21
N LYS A 58 10.36 4.78 -12.57
CA LYS A 58 11.39 5.18 -11.61
C LYS A 58 11.79 4.19 -10.49
N GLY A 59 11.80 2.87 -10.78
CA GLY A 59 12.15 1.80 -9.85
C GLY A 59 13.50 1.90 -9.13
N TYR A 60 14.51 2.30 -9.89
CA TYR A 60 15.82 2.43 -9.28
C TYR A 60 15.78 3.20 -7.98
N VAL A 61 14.81 4.12 -7.90
CA VAL A 61 14.69 4.92 -6.69
C VAL A 61 14.45 4.07 -5.46
N ILE A 62 13.68 3.01 -5.65
CA ILE A 62 13.37 2.12 -4.56
C ILE A 62 14.52 1.20 -4.31
N LYS A 63 15.14 0.83 -5.42
CA LYS A 63 16.26 -0.04 -5.37
C LYS A 63 17.27 0.59 -4.45
N GLU A 64 17.59 1.83 -4.80
CA GLU A 64 18.56 2.59 -4.04
C GLU A 64 18.13 2.81 -2.60
N TYR A 65 16.84 3.03 -2.43
CA TYR A 65 16.35 3.24 -1.10
C TYR A 65 16.80 2.10 -0.17
N PHE A 66 16.43 0.86 -0.53
CA PHE A 66 16.79 -0.32 0.25
C PHE A 66 18.25 -0.63 0.25
N ALA A 67 18.91 -0.27 -0.85
CA ALA A 67 20.33 -0.49 -1.00
C ALA A 67 21.14 0.32 0.02
N ASN A 68 20.62 1.48 0.45
CA ASN A 68 21.26 2.38 1.41
C ASN A 68 20.34 2.81 2.57
N TYR A 69 19.48 1.87 2.94
CA TYR A 69 18.53 2.08 3.99
C TYR A 69 19.14 2.69 5.22
N PHE A 70 20.08 2.01 5.86
CA PHE A 70 20.68 2.56 7.06
C PHE A 70 21.01 4.03 6.95
N LEU A 71 21.60 4.37 5.83
CA LEU A 71 21.95 5.74 5.64
C LEU A 71 20.68 6.53 5.65
N HIS A 72 19.77 6.13 4.77
CA HIS A 72 18.47 6.79 4.65
C HIS A 72 17.84 7.00 6.01
N MET A 73 18.09 6.02 6.89
CA MET A 73 17.55 6.01 8.23
C MET A 73 18.33 6.65 9.41
N SER A 74 19.62 6.86 9.36
CA SER A 74 20.18 7.45 10.56
C SER A 74 21.14 8.57 10.28
N ASP A 75 21.54 9.20 11.38
CA ASP A 75 22.48 10.26 11.26
C ASP A 75 23.79 9.58 10.91
N VAL A 76 24.84 10.35 10.62
CA VAL A 76 26.07 9.70 10.25
C VAL A 76 27.27 10.62 10.33
N THR A 77 28.43 9.97 10.46
CA THR A 77 29.68 10.66 10.52
C THR A 77 30.64 10.05 9.53
N PHE A 78 31.38 10.94 8.89
CA PHE A 78 32.34 10.57 7.89
C PHE A 78 33.72 10.94 8.35
N HIS A 79 34.58 9.96 8.39
CA HIS A 79 35.95 10.24 8.79
C HIS A 79 36.69 10.13 7.50
N MET A 80 36.43 11.12 6.64
CA MET A 80 37.00 11.22 5.30
C MET A 80 38.48 11.06 5.14
N ALA A 81 39.17 11.57 6.14
CA ALA A 81 40.60 11.51 6.12
C ALA A 81 40.99 10.04 6.02
N GLU A 82 40.12 9.18 6.54
CA GLU A 82 40.34 7.75 6.52
C GLU A 82 39.26 7.04 5.73
N ASN A 83 38.60 7.81 4.86
CA ASN A 83 37.51 7.34 4.02
C ASN A 83 36.58 6.40 4.77
N ARG A 84 36.18 6.81 5.96
CA ARG A 84 35.31 6.01 6.78
C ARG A 84 33.96 6.62 7.01
N MET A 85 32.95 5.76 6.92
CA MET A 85 31.56 6.12 7.14
C MET A 85 31.00 5.44 8.38
N GLU A 86 30.48 6.24 9.32
CA GLU A 86 29.92 5.71 10.55
C GLU A 86 28.47 6.12 10.79
N VAL A 87 27.54 5.21 10.44
CA VAL A 87 26.13 5.48 10.62
C VAL A 87 25.81 5.42 12.08
N HIS A 88 25.22 6.49 12.60
CA HIS A 88 24.89 6.49 13.99
C HIS A 88 23.99 5.34 14.31
N HIS A 89 22.83 5.31 13.66
CA HIS A 89 21.91 4.23 13.93
C HIS A 89 21.65 3.25 12.79
N LYS A 90 22.06 2.03 13.08
CA LYS A 90 21.90 0.92 12.19
C LYS A 90 20.66 0.14 12.59
N ARG A 91 19.45 0.64 12.28
CA ARG A 91 18.26 -0.09 12.67
C ARG A 91 17.87 -1.21 11.72
N VAL A 92 17.71 -2.41 12.26
CA VAL A 92 17.36 -3.55 11.43
C VAL A 92 15.89 -3.89 11.34
N GLU A 93 15.56 -4.22 10.11
CA GLU A 93 14.23 -4.60 9.84
C GLU A 93 14.25 -6.08 9.55
N PRO A 94 13.41 -6.80 10.24
CA PRO A 94 13.36 -8.24 10.06
C PRO A 94 12.64 -8.57 8.75
N TRP A 95 12.91 -7.77 7.73
CA TRP A 95 12.29 -7.97 6.45
C TRP A 95 13.16 -8.64 5.43
N ASN A 96 12.47 -8.86 4.33
CA ASN A 96 12.92 -9.47 3.12
C ASN A 96 12.26 -8.67 2.03
N VAL A 97 13.07 -8.16 1.11
CA VAL A 97 12.49 -7.35 0.09
C VAL A 97 12.87 -7.66 -1.34
N THR A 98 11.84 -8.03 -2.07
CA THR A 98 12.12 -8.28 -3.43
C THR A 98 11.52 -7.21 -4.28
N LEU A 99 12.42 -6.55 -5.01
CA LEU A 99 12.08 -5.48 -5.91
C LEU A 99 12.01 -6.03 -7.31
N VAL A 100 10.82 -5.99 -7.89
CA VAL A 100 10.66 -6.52 -9.24
C VAL A 100 10.22 -5.52 -10.31
N ASP A 101 10.96 -5.49 -11.42
CA ASP A 101 10.60 -4.60 -12.51
C ASP A 101 9.44 -5.24 -13.17
N THR A 102 8.26 -4.72 -12.90
CA THR A 102 7.07 -5.26 -13.48
C THR A 102 6.72 -4.63 -14.80
N GLY A 103 7.67 -3.90 -15.36
CA GLY A 103 7.42 -3.27 -16.65
C GLY A 103 7.06 -1.81 -16.57
N ASP A 104 7.46 -1.05 -17.58
CA ASP A 104 7.19 0.38 -17.64
C ASP A 104 5.73 0.72 -17.95
N SER A 105 5.13 -0.08 -18.84
CA SER A 105 3.75 0.11 -19.29
C SER A 105 2.67 -0.84 -18.71
N SER A 106 3.03 -1.76 -17.80
CA SER A 106 2.03 -2.66 -17.24
C SER A 106 1.01 -2.01 -16.34
N MET A 107 -0.15 -2.65 -16.26
CA MET A 107 -1.22 -2.17 -15.41
C MET A 107 -1.13 -2.98 -14.15
N THR A 108 -2.10 -2.73 -13.26
CA THR A 108 -2.20 -3.39 -11.97
C THR A 108 -2.26 -4.90 -12.03
N GLY A 109 -3.11 -5.41 -12.92
CA GLY A 109 -3.26 -6.84 -13.10
C GLY A 109 -1.95 -7.41 -13.62
N GLY A 110 -1.55 -6.89 -14.80
CA GLY A 110 -0.33 -7.26 -15.52
C GLY A 110 0.92 -7.37 -14.64
N ARG A 111 1.06 -6.38 -13.73
CA ARG A 111 2.15 -6.28 -12.77
C ARG A 111 2.07 -7.40 -11.76
N LEU A 112 0.89 -7.52 -11.15
CA LEU A 112 0.68 -8.57 -10.16
C LEU A 112 0.98 -9.90 -10.82
N LYS A 113 0.34 -10.11 -11.96
CA LYS A 113 0.50 -11.31 -12.73
C LYS A 113 1.99 -11.58 -12.91
N ARG A 114 2.76 -10.51 -13.00
CA ARG A 114 4.20 -10.65 -13.14
C ARG A 114 4.90 -11.44 -12.01
N VAL A 115 4.56 -11.10 -10.78
CA VAL A 115 5.15 -11.69 -9.61
C VAL A 115 4.47 -12.91 -9.05
N ALA A 116 3.88 -13.71 -9.91
CA ALA A 116 3.21 -14.92 -9.46
C ALA A 116 4.10 -15.84 -8.63
N GLU A 117 5.10 -16.41 -9.31
CA GLU A 117 6.08 -17.34 -8.76
C GLU A 117 6.42 -17.06 -7.31
N TYR A 118 6.35 -15.79 -6.98
CA TYR A 118 6.65 -15.34 -5.64
C TYR A 118 5.65 -15.80 -4.61
N VAL A 119 4.39 -15.91 -5.04
CA VAL A 119 3.31 -16.32 -4.15
C VAL A 119 2.47 -17.49 -4.62
N LYS A 120 2.92 -18.21 -5.64
CA LYS A 120 2.18 -19.35 -6.20
C LYS A 120 1.79 -20.46 -5.20
N ASP A 121 2.77 -20.95 -4.46
CA ASP A 121 2.58 -21.99 -3.51
C ASP A 121 2.00 -21.51 -2.20
N ASP A 122 1.76 -20.22 -2.16
CA ASP A 122 1.20 -19.60 -0.98
C ASP A 122 -0.25 -20.00 -0.72
N GLU A 123 -0.52 -20.20 0.56
CA GLU A 123 -1.85 -20.53 1.00
C GLU A 123 -2.64 -19.34 0.47
N ALA A 124 -2.09 -18.18 0.77
CA ALA A 124 -2.62 -16.90 0.37
C ALA A 124 -1.60 -15.81 0.56
N PHE A 125 -1.82 -14.70 -0.14
CA PHE A 125 -0.92 -13.57 0.00
C PHE A 125 -1.67 -12.25 0.07
N LEU A 126 -0.95 -11.20 0.41
CA LEU A 126 -1.55 -9.89 0.53
C LEU A 126 -1.17 -8.97 -0.60
N PHE A 127 -2.14 -8.19 -1.01
CA PHE A 127 -1.92 -7.29 -2.10
C PHE A 127 -2.55 -5.93 -1.90
N THR A 128 -1.75 -4.87 -2.09
CA THR A 128 -2.28 -3.54 -1.94
C THR A 128 -1.56 -2.53 -2.79
N TYR A 129 -1.97 -1.27 -2.60
CA TYR A 129 -1.40 -0.13 -3.31
C TYR A 129 -0.31 0.56 -2.51
N GLY A 130 0.63 1.15 -3.25
CA GLY A 130 1.73 1.86 -2.60
C GLY A 130 1.38 3.30 -2.22
N ASP A 131 0.07 3.65 -2.32
CA ASP A 131 -0.51 4.96 -2.04
C ASP A 131 -1.44 5.08 -0.84
N GLY A 132 -1.70 4.00 -0.08
CA GLY A 132 -2.61 4.17 1.07
C GLY A 132 -2.17 3.62 2.43
N VAL A 133 -2.47 4.43 3.45
CA VAL A 133 -2.20 4.11 4.85
C VAL A 133 -3.49 4.02 5.64
N ALA A 134 -3.46 3.23 6.70
CA ALA A 134 -4.61 3.04 7.55
C ALA A 134 -4.24 2.35 8.86
N ASP A 135 -5.14 2.42 9.83
CA ASP A 135 -4.89 1.78 11.10
C ASP A 135 -5.43 0.35 11.06
N LEU A 136 -5.56 -0.10 9.81
CA LEU A 136 -6.03 -1.41 9.45
C LEU A 136 -5.41 -2.53 10.24
N ASP A 137 -6.28 -3.49 10.49
CA ASP A 137 -5.94 -4.67 11.21
C ASP A 137 -5.80 -5.75 10.20
N ILE A 138 -4.65 -5.70 9.62
CA ILE A 138 -4.32 -6.65 8.60
C ILE A 138 -4.57 -8.09 9.07
N LYS A 139 -4.11 -8.45 10.27
CA LYS A 139 -4.32 -9.81 10.79
C LYS A 139 -5.75 -10.28 10.60
N ALA A 140 -6.62 -9.45 11.21
CA ALA A 140 -8.07 -9.60 11.22
C ALA A 140 -8.61 -9.88 9.86
N THR A 141 -8.09 -9.12 8.90
CA THR A 141 -8.49 -9.28 7.52
C THR A 141 -8.16 -10.68 7.05
N ILE A 142 -6.94 -11.08 7.36
CA ILE A 142 -6.39 -12.36 7.03
C ILE A 142 -7.18 -13.54 7.54
N ASP A 143 -7.67 -13.40 8.77
CA ASP A 143 -8.44 -14.47 9.40
C ASP A 143 -9.84 -14.55 8.84
N PHE A 144 -10.30 -13.40 8.41
CA PHE A 144 -11.58 -13.20 7.81
C PHE A 144 -11.57 -13.87 6.45
N HIS A 145 -10.47 -13.63 5.71
CA HIS A 145 -10.30 -14.21 4.39
C HIS A 145 -10.24 -15.73 4.55
N LYS A 146 -9.77 -16.11 5.73
CA LYS A 146 -9.64 -17.49 6.10
C LYS A 146 -11.04 -17.99 6.40
N ALA A 147 -11.60 -17.45 7.47
CA ALA A 147 -12.94 -17.81 7.87
C ALA A 147 -13.82 -18.13 6.66
N HIS A 148 -13.93 -17.17 5.73
CA HIS A 148 -14.73 -17.26 4.49
C HIS A 148 -14.23 -18.21 3.38
N GLY A 149 -12.94 -18.46 3.33
CA GLY A 149 -12.40 -19.36 2.32
C GLY A 149 -12.48 -18.96 0.86
N LYS A 150 -13.15 -17.86 0.51
CA LYS A 150 -13.23 -17.45 -0.89
C LYS A 150 -11.87 -17.00 -1.38
N LYS A 151 -11.69 -16.97 -2.70
CA LYS A 151 -10.42 -16.56 -3.32
C LYS A 151 -9.86 -15.18 -2.97
N ALA A 152 -10.76 -14.19 -2.83
CA ALA A 152 -10.41 -12.81 -2.55
C ALA A 152 -11.22 -12.08 -1.49
N THR A 153 -10.45 -11.22 -0.83
CA THR A 153 -10.88 -10.34 0.22
C THR A 153 -10.28 -9.00 -0.14
N LEU A 154 -11.05 -7.93 0.06
CA LEU A 154 -10.66 -6.56 -0.17
C LEU A 154 -11.07 -5.78 1.02
N THR A 155 -10.47 -4.66 1.19
CA THR A 155 -10.87 -3.89 2.32
C THR A 155 -11.76 -2.78 1.90
N ALA A 156 -12.92 -2.78 2.50
CA ALA A 156 -13.86 -1.75 2.16
C ALA A 156 -13.64 -0.66 3.17
N THR A 157 -13.59 0.55 2.66
CA THR A 157 -13.38 1.65 3.55
C THR A 157 -14.24 2.83 3.19
N PHE A 158 -14.12 3.76 4.10
CA PHE A 158 -14.80 4.97 3.87
C PHE A 158 -13.73 5.80 3.27
N PRO A 159 -14.21 6.58 2.39
CA PRO A 159 -13.45 7.53 1.63
C PRO A 159 -13.29 8.85 2.41
N PRO A 160 -12.38 9.68 1.93
CA PRO A 160 -12.18 10.97 2.53
C PRO A 160 -13.03 11.88 1.65
N GLY A 161 -13.75 12.80 2.27
CA GLY A 161 -14.60 13.66 1.48
C GLY A 161 -14.13 15.10 1.33
N ARG A 162 -14.01 15.51 0.07
CA ARG A 162 -13.61 16.85 -0.31
C ARG A 162 -14.84 17.75 -0.29
N GLY A 164 -18.23 17.04 1.18
CA GLY A 164 -19.33 17.83 1.72
C GLY A 164 -20.51 16.96 2.10
N ALA A 165 -20.20 15.90 2.88
CA ALA A 165 -21.11 14.85 3.39
C ALA A 165 -22.11 15.33 4.44
N LEU A 166 -23.39 15.04 4.16
CA LEU A 166 -24.49 15.45 5.04
C LEU A 166 -25.29 14.40 5.78
N ASP A 167 -26.00 14.95 6.76
CA ASP A 167 -26.90 14.29 7.67
C ASP A 167 -28.28 14.80 7.32
N ILE A 168 -28.98 14.00 6.52
CA ILE A 168 -30.31 14.36 6.07
C ILE A 168 -31.33 13.35 6.47
N GLN A 169 -32.30 13.89 7.20
CA GLN A 169 -33.45 13.17 7.72
C GLN A 169 -34.72 13.95 7.40
N ALA A 170 -35.65 13.30 6.72
CA ALA A 170 -36.91 13.93 6.36
C ALA A 170 -36.76 15.28 5.64
N GLY A 171 -35.82 15.31 4.67
CA GLY A 171 -35.49 16.46 3.84
C GLY A 171 -34.83 17.62 4.57
N GLN A 172 -34.44 17.34 5.80
CA GLN A 172 -33.82 18.33 6.64
C GLN A 172 -32.37 18.01 6.93
N VAL A 173 -31.53 18.98 6.60
CA VAL A 173 -30.12 18.80 6.84
C VAL A 173 -29.89 18.94 8.31
N ARG A 174 -29.51 17.83 8.94
CA ARG A 174 -29.27 17.86 10.38
C ARG A 174 -27.88 18.37 10.70
N SER A 175 -26.93 18.00 9.84
CA SER A 175 -25.55 18.42 10.06
C SER A 175 -24.66 18.06 8.89
N PHE A 176 -23.48 18.72 8.89
CA PHE A 176 -22.41 18.57 7.91
C PHE A 176 -21.30 17.69 8.53
N GLN A 177 -21.14 16.45 8.01
CA GLN A 177 -20.19 15.44 8.48
C GLN A 177 -18.96 15.22 7.59
N LYS A 181 -19.80 9.55 4.63
CA LYS A 181 -20.41 8.28 4.23
C LYS A 181 -21.28 7.61 5.32
N GLY A 182 -22.37 6.99 4.86
CA GLY A 182 -23.30 6.40 5.79
C GLY A 182 -23.40 4.90 5.74
N ASP A 183 -23.99 4.37 4.71
CA ASP A 183 -24.14 3.05 4.82
C ASP A 183 -23.74 2.13 3.81
N GLY A 184 -24.05 2.47 2.55
CA GLY A 184 -23.71 1.64 1.33
C GLY A 184 -22.76 2.57 0.41
N ALA A 185 -22.01 3.20 1.28
CA ALA A 185 -21.06 4.27 1.09
C ALA A 185 -19.59 3.88 1.33
N MET A 186 -19.19 2.69 1.02
CA MET A 186 -17.79 2.36 1.24
C MET A 186 -17.12 2.14 -0.09
N ILE A 187 -15.80 2.11 -0.01
CA ILE A 187 -15.05 1.90 -1.21
C ILE A 187 -13.96 0.89 -1.00
N ASN A 188 -13.35 0.60 -2.12
CA ASN A 188 -12.25 -0.31 -2.14
C ASN A 188 -11.02 0.51 -1.79
N GLY A 189 -10.40 0.16 -0.65
CA GLY A 189 -9.22 0.84 -0.17
C GLY A 189 -7.93 0.04 -0.35
N GLY A 190 -7.99 -0.99 -1.24
CA GLY A 190 -6.88 -1.90 -1.55
C GLY A 190 -6.80 -2.96 -0.47
N PHE A 191 -5.65 -3.14 0.14
CA PHE A 191 -5.55 -4.14 1.22
C PHE A 191 -6.34 -5.40 0.97
N PHE A 192 -5.87 -6.11 -0.03
CA PHE A 192 -6.47 -7.32 -0.44
C PHE A 192 -5.82 -8.55 0.17
N VAL A 193 -6.66 -9.54 0.36
CA VAL A 193 -6.21 -10.81 0.84
C VAL A 193 -6.49 -11.69 -0.36
N LEU A 194 -5.50 -12.40 -0.87
CA LEU A 194 -5.84 -13.16 -2.05
C LEU A 194 -5.25 -14.55 -2.21
N ASN A 195 -5.96 -15.23 -3.14
CA ASN A 195 -5.71 -16.56 -3.59
C ASN A 195 -4.89 -16.57 -4.85
N PRO A 196 -3.73 -17.20 -4.72
CA PRO A 196 -2.85 -17.29 -5.85
C PRO A 196 -3.71 -17.57 -7.10
N SER A 197 -4.68 -18.44 -6.92
CA SER A 197 -5.60 -18.84 -7.95
C SER A 197 -6.20 -17.65 -8.68
N VAL A 198 -6.23 -16.51 -8.00
CA VAL A 198 -6.83 -15.38 -8.67
C VAL A 198 -6.07 -14.83 -9.86
N ILE A 199 -4.76 -15.08 -9.93
CA ILE A 199 -3.93 -14.57 -11.01
C ILE A 199 -4.39 -15.02 -12.39
N ASP A 200 -5.09 -16.15 -12.39
CA ASP A 200 -5.61 -16.78 -13.58
C ASP A 200 -6.54 -15.83 -14.31
N LEU A 201 -7.01 -14.87 -13.54
CA LEU A 201 -7.93 -13.88 -14.04
C LEU A 201 -7.20 -12.81 -14.83
N ILE A 202 -5.92 -12.61 -14.49
CA ILE A 202 -5.16 -11.60 -15.19
C ILE A 202 -4.69 -12.11 -16.55
N ASP A 203 -5.16 -11.39 -17.59
CA ASP A 203 -4.85 -11.71 -18.96
C ASP A 203 -3.46 -11.32 -19.49
N ASN A 204 -2.97 -10.16 -19.05
CA ASN A 204 -1.66 -9.67 -19.45
C ASN A 204 -1.29 -8.38 -18.76
N ASP A 205 -0.09 -7.92 -19.12
CA ASP A 205 0.48 -6.71 -18.60
C ASP A 205 -0.51 -5.55 -18.68
N ALA A 206 -1.34 -5.61 -19.72
CA ALA A 206 -2.31 -4.57 -19.93
C ALA A 206 -3.46 -4.63 -18.93
N THR A 207 -3.48 -5.65 -18.07
CA THR A 207 -4.57 -5.75 -17.12
C THR A 207 -4.62 -4.82 -15.94
N THR A 208 -5.78 -4.19 -15.84
CA THR A 208 -6.14 -3.27 -14.78
C THR A 208 -6.96 -4.15 -13.87
N TRP A 209 -6.29 -4.61 -12.82
CA TRP A 209 -6.81 -5.49 -11.80
C TRP A 209 -8.22 -5.16 -11.33
N GLU A 210 -8.54 -3.90 -11.39
CA GLU A 210 -9.82 -3.39 -10.88
C GLU A 210 -10.93 -3.52 -11.94
N GLN A 211 -10.61 -4.27 -13.00
CA GLN A 211 -11.53 -4.45 -14.14
C GLN A 211 -12.14 -5.83 -14.29
N GLU A 212 -11.35 -6.78 -14.72
CA GLU A 212 -11.95 -8.07 -14.93
C GLU A 212 -11.70 -8.80 -13.83
N PRO A 213 -10.48 -8.84 -13.42
CA PRO A 213 -10.15 -9.64 -12.30
C PRO A 213 -11.12 -9.38 -11.18
N LEU A 214 -11.03 -8.24 -10.59
CA LEU A 214 -11.90 -7.89 -9.47
C LEU A 214 -13.40 -8.07 -9.78
N MET A 215 -13.83 -7.49 -10.88
CA MET A 215 -15.25 -7.54 -11.27
C MET A 215 -15.74 -8.99 -11.38
N THR A 216 -15.00 -9.76 -12.08
CA THR A 216 -15.30 -11.16 -12.28
C THR A 216 -15.40 -11.86 -10.94
N LEU A 217 -14.49 -11.55 -10.04
CA LEU A 217 -14.49 -12.18 -8.72
C LEU A 217 -15.74 -11.89 -7.96
N ALA A 218 -16.16 -10.63 -8.10
CA ALA A 218 -17.37 -10.19 -7.44
C ALA A 218 -18.50 -10.96 -8.06
N GLN A 219 -18.58 -10.84 -9.37
CA GLN A 219 -19.62 -11.51 -10.14
C GLN A 219 -19.64 -13.00 -9.87
N GLN A 220 -18.47 -13.51 -9.58
CA GLN A 220 -18.23 -14.90 -9.30
C GLN A 220 -18.63 -15.29 -7.89
N GLY A 221 -19.08 -14.33 -7.13
CA GLY A 221 -19.45 -14.66 -5.77
C GLY A 221 -18.23 -15.08 -4.98
N GLU A 222 -17.08 -14.72 -5.56
CA GLU A 222 -15.79 -15.00 -4.99
C GLU A 222 -15.18 -13.74 -4.38
N LEU A 223 -15.93 -12.65 -4.33
CA LEU A 223 -15.38 -11.44 -3.75
C LEU A 223 -15.99 -10.99 -2.42
N MET A 224 -15.16 -11.04 -1.38
CA MET A 224 -15.53 -10.65 -0.03
C MET A 224 -15.06 -9.27 0.35
N ALA A 225 -15.77 -8.64 1.25
CA ALA A 225 -15.35 -7.32 1.66
C ALA A 225 -15.15 -7.20 3.15
N PHE A 226 -13.93 -6.85 3.49
CA PHE A 226 -13.60 -6.63 4.87
C PHE A 226 -13.87 -5.16 5.13
N GLU A 227 -14.81 -4.90 6.05
CA GLU A 227 -15.19 -3.53 6.41
C GLU A 227 -14.32 -2.83 7.44
N HIS A 228 -13.76 -1.71 7.02
CA HIS A 228 -12.91 -0.89 7.86
C HIS A 228 -13.58 0.46 8.04
N PRO A 229 -13.97 0.74 9.27
CA PRO A 229 -14.62 2.00 9.64
C PRO A 229 -13.62 3.12 9.96
N GLY A 230 -12.47 2.69 10.47
CA GLY A 230 -11.37 3.54 10.89
C GLY A 230 -10.72 4.44 9.86
N PHE A 231 -9.48 4.77 10.25
CA PHE A 231 -8.58 5.63 9.51
C PHE A 231 -8.03 4.99 8.25
N TRP A 232 -8.18 5.70 7.14
CA TRP A 232 -7.69 5.24 5.84
C TRP A 232 -7.46 6.43 4.98
N GLN A 233 -6.31 6.50 4.36
CA GLN A 233 -6.02 7.67 3.57
C GLN A 233 -5.02 7.40 2.47
N PRO A 234 -5.30 7.85 1.25
CA PRO A 234 -4.36 7.62 0.19
C PRO A 234 -3.62 8.92 -0.08
N MET A 235 -2.69 8.84 -1.00
CA MET A 235 -1.95 9.98 -1.36
C MET A 235 -1.85 9.97 -2.84
N ASP A 236 -2.62 10.85 -3.46
CA ASP A 236 -2.66 11.00 -4.90
C ASP A 236 -2.23 12.41 -5.28
N THR A 237 -2.40 13.36 -4.34
CA THR A 237 -2.06 14.75 -4.56
C THR A 237 -1.22 15.34 -3.47
N LEU A 238 -0.86 16.60 -3.72
CA LEU A 238 -0.06 17.40 -2.82
C LEU A 238 -0.74 17.56 -1.47
N ARG A 239 -2.02 17.95 -1.54
CA ARG A 239 -2.86 18.14 -0.37
C ARG A 239 -2.89 16.86 0.45
N ASP A 240 -2.88 15.74 -0.27
CA ASP A 240 -2.89 14.44 0.35
C ASP A 240 -1.67 14.28 1.26
N LYS A 241 -0.54 14.72 0.74
CA LYS A 241 0.72 14.66 1.40
C LYS A 241 0.71 15.48 2.68
N VAL A 242 0.57 16.77 2.44
CA VAL A 242 0.53 17.80 3.47
C VAL A 242 -0.29 17.44 4.68
N TYR A 243 -1.44 16.84 4.38
CA TYR A 243 -2.37 16.42 5.39
C TYR A 243 -1.78 15.35 6.25
N LEU A 244 -1.22 14.38 5.55
CA LEU A 244 -0.58 13.24 6.15
C LEU A 244 0.64 13.74 6.89
N GLU A 245 1.35 14.68 6.24
CA GLU A 245 2.53 15.30 6.82
C GLU A 245 2.15 15.95 8.15
N GLY A 246 1.04 16.71 8.07
CA GLY A 246 0.45 17.40 9.21
C GLY A 246 0.03 16.41 10.29
N LEU A 247 -0.68 15.37 9.89
CA LEU A 247 -1.08 14.41 10.89
C LEU A 247 0.15 13.92 11.67
N TRP A 248 1.15 13.53 10.90
CA TRP A 248 2.40 13.02 11.44
C TRP A 248 3.10 13.97 12.38
N GLU A 249 3.29 15.22 11.97
CA GLU A 249 3.96 16.16 12.86
C GLU A 249 3.41 16.12 14.28
N LYS A 250 2.12 16.43 14.33
CA LYS A 250 1.28 16.50 15.50
C LYS A 250 1.12 15.19 16.23
N GLY A 251 1.98 14.22 15.96
CA GLY A 251 1.85 12.95 16.65
C GLY A 251 0.44 12.39 16.44
N LYS A 252 -0.07 12.55 15.21
CA LYS A 252 -1.40 12.06 14.91
C LYS A 252 -1.46 11.26 13.61
N ALA A 253 -0.77 10.13 13.62
CA ALA A 253 -0.76 9.28 12.45
C ALA A 253 -1.40 7.93 12.75
N PRO A 254 -2.70 7.93 12.88
CA PRO A 254 -3.45 6.72 13.15
C PRO A 254 -2.81 5.49 12.55
N TRP A 255 -2.45 5.61 11.30
CA TRP A 255 -1.86 4.47 10.68
C TRP A 255 -0.65 3.96 11.46
N LYS A 256 0.00 4.84 12.23
CA LYS A 256 1.18 4.49 13.04
C LYS A 256 0.82 3.52 14.16
N THR A 257 0.91 2.26 13.81
CA THR A 257 0.58 1.17 14.70
C THR A 257 1.79 0.53 15.34
N TRP A 258 2.95 1.19 15.27
CA TRP A 258 4.17 0.60 15.85
C TRP A 258 5.02 1.57 16.66
N GLU A 259 6.13 0.98 17.15
CA GLU A 259 7.17 1.60 17.95
C GLU A 259 8.13 2.40 17.04
MG MG B . -4.58 6.19 -5.77
NI NI C . 33.42 8.18 14.63
MG MG D . -3.70 5.54 -11.54
N1 CTP E . 0.42 1.36 -10.16
C2 CTP E . 1.32 0.55 -10.81
N3 CTP E . 1.16 0.46 -12.15
C4 CTP E . 0.20 1.09 -12.93
C5 CTP E . -0.68 1.89 -12.17
C6 CTP E . -0.55 2.02 -10.87
O2 CTP E . 2.22 -0.05 -10.25
N4 CTP E . 0.20 0.91 -14.14
C1' CTP E . 0.46 1.53 -8.70
C2' CTP E . 0.98 2.88 -8.27
O2' CTP E . 2.40 2.87 -8.13
C3' CTP E . 0.39 2.99 -6.85
C4' CTP E . -0.97 2.34 -7.05
O4' CTP E . -0.85 1.46 -8.18
O3' CTP E . 1.21 2.27 -5.92
C5' CTP E . -2.16 3.25 -7.18
O5' CTP E . -2.11 4.02 -8.40
PA CTP E . -2.61 5.54 -8.36
O1A CTP E . -1.92 6.36 -7.35
O2A CTP E . -4.06 5.71 -8.17
O3A CTP E . -2.09 6.06 -9.83
PB CTP E . -0.62 6.45 -10.21
O1B CTP E . -0.10 5.60 -11.32
O2B CTP E . 0.22 6.22 -8.99
O3B CTP E . -0.49 8.02 -10.65
PG CTP E . -1.71 8.97 -11.20
O1G CTP E . -3.01 8.25 -11.34
O2G CTP E . -1.22 9.44 -12.54
O3G CTP E . -1.91 10.17 -10.35
#